data_1M3H
#
_entry.id   1M3H
#
_cell.length_a   92.345
_cell.length_b   92.345
_cell.length_c   211.345
_cell.angle_alpha   90.00
_cell.angle_beta   90.00
_cell.angle_gamma   120.00
#
_symmetry.space_group_name_H-M   'P 65 2 2'
#
loop_
_entity.id
_entity.type
_entity.pdbx_description
1 polymer "5'-D(P*GP*GP*TP*AP*GP*AP*CP*CP*TP*GP*GP*AP*CP*GP*C)-3'"
2 polymer "5'-D(P*GP*CP*GP*TP*CP*CP*AP*(DDX))-3'"
3 polymer "5'-D(P*GP*TP*CP*TP*AP*CP*C)-3'"
4 polymer '8-Oxoguanine DNA Glycosylase'
5 non-polymer 'CALCIUM ION'
6 water water
#
loop_
_entity_poly.entity_id
_entity_poly.type
_entity_poly.pdbx_seq_one_letter_code
_entity_poly.pdbx_strand_id
1 'polydeoxyribonucleotide' (DG)(DG)(DT)(DA)(DG)(DA)(DC)(DC)(DT)(DG)(DG)(DA)(DC)(DG)(DC) B
2 'polydeoxyribonucleotide' (DG)(DC)(DG)(DT)(DC)(DC)(DA)(DDX) C
3 'polydeoxyribonucleotide' (DG)(DT)(DC)(DT)(DA)(DC)(DC) D
4 'polypeptide(L)'
;GSEGHRTLASTPALWASIPCPRSELRLDLVLPSGQSFRWREQSPAHWSGVLADQVWTLTQTEEQLHCTVYRGDKSQASRP
TPDELEAVRKYFQLDVTLAQLYHHWGSVDSHFQEVAQKFQGVRLLRQDPIECLFSFICSSNNNIARITGMVERLCQAFGP
RLIQLDDVTYHGFPSLQALAGPEVEAHLRKLGLGYRARYVSASARAILEEQGGLAWLQQLRESSYEEAHKALCILPGVGT
KVADCICLMALDKPQAVPVEVHMWHIAQRDYSWHPTTSQAKGPSPQTNKELGNFFRSLWGPYAGWAQAVLFSADLRQ
;
A
#
loop_
_chem_comp.id
_chem_comp.type
_chem_comp.name
_chem_comp.formula
CA non-polymer 'CALCIUM ION' 'Ca 2'
DA DNA linking 2'-DEOXYADENOSINE-5'-MONOPHOSPHATE 'C10 H14 N5 O6 P'
DC DNA linking 2'-DEOXYCYTIDINE-5'-MONOPHOSPHATE 'C9 H14 N3 O7 P'
DDX DNA linking 2',3'-DEHYDRO-2',3'-DIDEOXYRIBOFURANOSE-5'-PHOSPHATE 'C5 H9 O6 P'
DG DNA linking 2'-DEOXYGUANOSINE-5'-MONOPHOSPHATE 'C10 H14 N5 O7 P'
DT DNA linking THYMIDINE-5'-MONOPHOSPHATE 'C10 H15 N2 O8 P'
#
# COMPACT_ATOMS: atom_id res chain seq x y z
P DDX B 8 -9.70 -8.17 -5.15
OP1 DDX B 8 -9.84 -8.46 -3.71
OP2 DDX B 8 -10.78 -7.45 -5.86
O5' DDX B 8 -8.32 -7.40 -5.38
C5' DDX B 8 -8.13 -6.66 -6.53
C4' DDX B 8 -6.62 -6.44 -6.81
O4' DDX B 8 -6.27 -5.10 -6.50
C1' DDX B 8 -5.31 -5.08 -5.44
C3' DDX B 8 -5.70 -7.29 -5.97
C2' DDX B 8 -4.94 -6.51 -5.19
O1' DDX B 8 -4.40 -4.09 -5.84
N GLY D 1 -3.00 -6.51 31.23
CA GLY D 1 -2.69 -5.05 31.46
C GLY D 1 -1.51 -4.62 30.60
N SER D 2 -0.32 -5.03 30.99
CA SER D 2 0.89 -4.69 30.23
C SER D 2 1.16 -5.78 29.19
N GLU D 3 0.20 -6.69 29.02
CA GLU D 3 0.33 -7.80 28.06
C GLU D 3 -0.73 -7.66 26.97
N GLY D 4 -0.46 -8.22 25.79
CA GLY D 4 -1.42 -8.15 24.71
C GLY D 4 -1.42 -6.84 23.95
N HIS D 5 -2.28 -6.73 22.94
CA HIS D 5 -2.35 -5.50 22.16
C HIS D 5 -3.03 -4.41 22.99
N ARG D 6 -2.48 -3.21 22.97
CA ARG D 6 -3.04 -2.09 23.72
C ARG D 6 -4.28 -1.51 23.06
N THR D 7 -5.03 -0.75 23.84
CA THR D 7 -6.23 -0.04 23.37
C THR D 7 -6.10 1.31 24.02
N LEU D 8 -6.70 2.34 23.42
CA LEU D 8 -6.61 3.69 23.98
C LEU D 8 -7.07 3.73 25.43
N ALA D 9 -8.16 3.04 25.72
CA ALA D 9 -8.73 2.99 27.06
C ALA D 9 -7.82 2.34 28.10
N SER D 10 -7.40 1.11 27.82
CA SER D 10 -6.56 0.30 28.69
C SER D 10 -5.23 0.87 29.15
N THR D 11 -4.50 1.54 28.26
CA THR D 11 -3.20 2.08 28.65
C THR D 11 -2.98 3.52 28.22
N PRO D 12 -3.86 4.43 28.67
CA PRO D 12 -3.86 5.87 28.39
C PRO D 12 -2.49 6.53 28.32
N ALA D 13 -1.67 6.29 29.34
CA ALA D 13 -0.36 6.89 29.42
C ALA D 13 0.60 6.45 28.31
N LEU D 14 0.26 5.38 27.58
CA LEU D 14 1.15 4.90 26.53
C LEU D 14 0.87 5.39 25.11
N TRP D 15 -0.16 6.22 24.94
CA TRP D 15 -0.49 6.74 23.62
C TRP D 15 -0.16 8.22 23.48
N ALA D 16 -0.03 8.66 22.23
CA ALA D 16 0.26 10.04 21.90
C ALA D 16 -0.61 10.40 20.73
N SER D 17 -0.93 11.68 20.60
CA SER D 17 -1.79 12.13 19.52
C SER D 17 -1.07 12.84 18.40
N ILE D 18 -1.79 12.95 17.30
CA ILE D 18 -1.33 13.64 16.11
C ILE D 18 -2.59 14.28 15.55
N PRO D 19 -2.66 15.61 15.58
CA PRO D 19 -3.85 16.29 15.06
C PRO D 19 -4.14 15.70 13.68
N CYS D 20 -5.36 15.23 13.48
CA CYS D 20 -5.70 14.63 12.21
C CYS D 20 -7.17 14.25 12.18
N PRO D 21 -7.99 15.04 11.47
CA PRO D 21 -9.42 14.75 11.39
C PRO D 21 -9.70 13.55 10.48
N ARG D 22 -10.83 12.88 10.71
CA ARG D 22 -11.18 11.72 9.88
C ARG D 22 -11.39 12.17 8.44
N SER D 23 -11.67 13.46 8.27
CA SER D 23 -11.88 14.00 6.93
C SER D 23 -10.58 13.90 6.15
N GLU D 24 -9.47 13.84 6.87
CA GLU D 24 -8.17 13.76 6.23
C GLU D 24 -7.58 12.32 6.23
N LEU D 25 -8.19 11.43 7.02
CA LEU D 25 -7.71 10.05 7.12
C LEU D 25 -8.70 9.14 7.82
N ARG D 26 -9.00 8.01 7.19
CA ARG D 26 -9.89 7.01 7.75
C ARG D 26 -9.12 5.70 7.69
N LEU D 27 -8.58 5.30 8.83
CA LEU D 27 -7.80 4.07 8.93
C LEU D 27 -8.57 2.90 8.37
N ASP D 28 -9.83 2.78 8.77
CA ASP D 28 -10.68 1.70 8.32
C ASP D 28 -10.84 1.71 6.82
N LEU D 29 -10.57 2.84 6.17
CA LEU D 29 -10.70 2.88 4.72
C LEU D 29 -9.38 2.72 3.99
N VAL D 30 -8.26 3.08 4.62
CA VAL D 30 -6.99 2.93 3.92
C VAL D 30 -6.18 1.67 4.26
N LEU D 31 -6.11 1.30 5.54
CA LEU D 31 -5.34 0.13 5.97
C LEU D 31 -5.71 -1.27 5.46
N PRO D 32 -6.98 -1.51 5.11
CA PRO D 32 -7.29 -2.86 4.61
C PRO D 32 -7.69 -2.86 3.14
N SER D 33 -7.56 -1.71 2.47
CA SER D 33 -7.98 -1.60 1.09
C SER D 33 -7.01 -1.96 -0.04
N GLY D 34 -6.00 -2.78 0.27
CA GLY D 34 -5.07 -3.21 -0.76
C GLY D 34 -3.85 -2.34 -1.06
N GLN D 35 -3.50 -1.42 -0.17
CA GLN D 35 -2.32 -0.60 -0.35
C GLN D 35 -1.23 -1.41 0.33
N SER D 36 -1.37 -1.58 1.64
CA SER D 36 -0.46 -2.40 2.42
C SER D 36 -1.30 -3.59 2.88
N PHE D 37 -0.66 -4.74 3.03
CA PHE D 37 -1.38 -5.93 3.48
C PHE D 37 -0.94 -6.34 4.89
N ARG D 38 -0.25 -5.44 5.58
CA ARG D 38 0.28 -5.80 6.90
C ARG D 38 -0.37 -5.22 8.16
N TRP D 39 -1.56 -4.63 8.02
CA TRP D 39 -2.24 -4.07 9.17
C TRP D 39 -3.44 -4.93 9.52
N ARG D 40 -3.68 -5.10 10.82
CA ARG D 40 -4.80 -5.90 11.31
C ARG D 40 -5.55 -5.17 12.41
N GLU D 41 -6.87 -5.26 12.37
CA GLU D 41 -7.68 -4.61 13.40
C GLU D 41 -7.83 -5.63 14.54
N GLN D 42 -6.78 -5.79 15.34
CA GLN D 42 -6.79 -6.74 16.45
C GLN D 42 -7.90 -6.49 17.48
N SER D 43 -8.25 -5.22 17.64
CA SER D 43 -9.31 -4.79 18.55
C SER D 43 -10.15 -3.86 17.71
N PRO D 44 -11.45 -3.73 18.03
CA PRO D 44 -12.25 -2.82 17.21
C PRO D 44 -11.69 -1.41 17.12
N ALA D 45 -11.56 -0.93 15.89
CA ALA D 45 -11.04 0.41 15.61
C ALA D 45 -9.55 0.57 15.96
N HIS D 46 -8.88 -0.53 16.28
CA HIS D 46 -7.46 -0.48 16.61
C HIS D 46 -6.71 -1.29 15.57
N TRP D 47 -5.78 -0.65 14.87
CA TRP D 47 -5.00 -1.36 13.86
C TRP D 47 -3.54 -1.52 14.25
N SER D 48 -3.06 -2.74 14.16
CA SER D 48 -1.66 -3.00 14.51
C SER D 48 -0.86 -3.53 13.34
N GLY D 49 0.41 -3.14 13.30
CA GLY D 49 1.31 -3.56 12.23
C GLY D 49 2.70 -2.97 12.39
N VAL D 50 3.59 -3.31 11.46
CA VAL D 50 4.96 -2.81 11.54
C VAL D 50 5.11 -1.55 10.71
N LEU D 51 5.68 -0.53 11.32
CA LEU D 51 5.86 0.73 10.65
C LEU D 51 7.23 1.22 11.05
N ALA D 52 8.09 1.41 10.05
CA ALA D 52 9.44 1.86 10.31
C ALA D 52 10.16 0.96 11.34
N ASP D 53 10.12 -0.35 11.08
CA ASP D 53 10.79 -1.37 11.89
C ASP D 53 10.37 -1.56 13.35
N GLN D 54 9.21 -1.05 13.72
CA GLN D 54 8.70 -1.21 15.07
C GLN D 54 7.22 -1.52 14.94
N VAL D 55 6.65 -2.18 15.94
CA VAL D 55 5.24 -2.50 15.90
C VAL D 55 4.43 -1.37 16.52
N TRP D 56 3.36 -0.98 15.84
CA TRP D 56 2.47 0.07 16.32
C TRP D 56 1.02 -0.40 16.34
N THR D 57 0.21 0.30 17.14
CA THR D 57 -1.22 0.07 17.17
C THR D 57 -1.73 1.50 16.97
N LEU D 58 -2.64 1.64 16.02
CA LEU D 58 -3.20 2.95 15.70
C LEU D 58 -4.72 2.94 15.85
N THR D 59 -5.27 4.08 16.24
CA THR D 59 -6.70 4.24 16.42
C THR D 59 -7.01 5.74 16.35
N GLN D 60 -8.21 6.11 15.92
CA GLN D 60 -8.51 7.54 15.80
C GLN D 60 -9.83 7.99 16.40
N THR D 61 -9.86 9.27 16.75
CA THR D 61 -11.05 9.91 17.27
C THR D 61 -11.40 10.92 16.17
N GLU D 62 -12.41 11.74 16.38
CA GLU D 62 -12.80 12.68 15.33
C GLU D 62 -11.71 13.65 14.89
N GLU D 63 -10.90 14.14 15.84
CA GLU D 63 -9.85 15.10 15.50
C GLU D 63 -8.41 14.60 15.72
N GLN D 64 -8.27 13.43 16.34
CA GLN D 64 -6.93 12.93 16.59
C GLN D 64 -6.61 11.52 16.08
N LEU D 65 -5.34 11.32 15.77
CA LEU D 65 -4.87 10.01 15.35
C LEU D 65 -4.02 9.57 16.55
N HIS D 66 -4.49 8.54 17.25
CA HIS D 66 -3.79 8.03 18.43
C HIS D 66 -2.80 6.93 18.07
N CYS D 67 -1.58 7.07 18.58
CA CYS D 67 -0.51 6.14 18.29
C CYS D 67 0.15 5.54 19.51
N THR D 68 0.56 4.28 19.40
CA THR D 68 1.27 3.63 20.49
C THR D 68 2.33 2.76 19.82
N VAL D 69 3.46 2.57 20.50
CA VAL D 69 4.56 1.80 19.92
C VAL D 69 5.11 0.77 20.90
N TYR D 70 5.57 -0.36 20.35
CA TYR D 70 6.14 -1.44 21.15
C TYR D 70 7.55 -1.64 20.66
N ARG D 71 8.53 -1.24 21.44
CA ARG D 71 9.92 -1.37 21.03
C ARG D 71 10.49 -2.75 21.35
N SER D 75 13.37 -2.29 26.85
CA SER D 75 13.26 -0.95 27.51
C SER D 75 11.88 -0.72 28.13
N GLN D 76 11.77 0.28 29.00
CA GLN D 76 10.51 0.59 29.66
C GLN D 76 9.45 1.09 28.67
N ALA D 77 8.26 0.51 28.75
CA ALA D 77 7.15 0.89 27.89
C ALA D 77 6.81 2.37 28.14
N SER D 78 6.82 3.17 27.07
CA SER D 78 6.51 4.59 27.17
C SER D 78 5.78 5.07 25.93
N ARG D 79 5.25 6.28 25.99
CA ARG D 79 4.53 6.86 24.85
C ARG D 79 5.52 7.10 23.71
N PRO D 80 5.01 7.23 22.49
CA PRO D 80 5.93 7.47 21.37
C PRO D 80 6.61 8.84 21.51
N THR D 81 7.78 9.00 20.93
CA THR D 81 8.48 10.29 20.99
C THR D 81 8.07 11.07 19.74
N PRO D 82 8.33 12.40 19.74
CA PRO D 82 7.99 13.25 18.59
C PRO D 82 8.63 12.77 17.28
N ASP D 83 9.83 12.22 17.37
CA ASP D 83 10.53 11.72 16.21
C ASP D 83 9.81 10.46 15.69
N GLU D 84 9.50 9.54 16.60
CA GLU D 84 8.81 8.32 16.23
C GLU D 84 7.48 8.68 15.58
N LEU D 85 6.73 9.61 16.19
CA LEU D 85 5.46 10.05 15.63
C LEU D 85 5.61 10.60 14.22
N GLU D 86 6.72 11.30 13.99
CA GLU D 86 6.98 11.87 12.69
C GLU D 86 7.01 10.76 11.64
N ALA D 87 7.52 9.61 12.03
CA ALA D 87 7.59 8.45 11.13
C ALA D 87 6.17 8.05 10.74
N VAL D 88 5.24 8.22 11.67
CA VAL D 88 3.85 7.90 11.40
C VAL D 88 3.35 8.96 10.40
N ARG D 89 3.63 10.23 10.69
CA ARG D 89 3.20 11.32 9.80
C ARG D 89 3.70 11.13 8.38
N LYS D 90 4.93 10.65 8.27
CA LYS D 90 5.52 10.44 6.97
C LYS D 90 4.88 9.25 6.26
N TYR D 91 4.58 8.21 7.02
CA TYR D 91 3.97 7.00 6.48
C TYR D 91 2.60 7.32 5.87
N PHE D 92 1.86 8.23 6.49
CA PHE D 92 0.54 8.64 6.00
C PHE D 92 0.60 9.94 5.18
N GLN D 93 1.81 10.37 4.83
CA GLN D 93 2.02 11.60 4.07
C GLN D 93 1.03 12.67 4.52
N LEU D 94 0.98 12.91 5.83
CA LEU D 94 0.05 13.87 6.39
C LEU D 94 0.28 15.32 5.97
N ASP D 95 1.33 15.57 5.19
CA ASP D 95 1.59 16.91 4.71
C ASP D 95 0.69 17.16 3.52
N VAL D 96 0.41 16.12 2.74
CA VAL D 96 -0.48 16.25 1.59
C VAL D 96 -1.90 16.40 2.12
N THR D 97 -2.49 17.58 1.90
CA THR D 97 -3.84 17.89 2.36
C THR D 97 -4.92 17.22 1.49
N LEU D 98 -5.68 16.32 2.09
CA LEU D 98 -6.73 15.59 1.37
C LEU D 98 -7.92 16.48 1.03
N ALA D 99 -8.21 17.45 1.88
CA ALA D 99 -9.32 18.36 1.62
C ALA D 99 -9.04 19.15 0.30
N GLN D 100 -7.79 19.58 0.11
CA GLN D 100 -7.41 20.29 -1.09
C GLN D 100 -7.55 19.41 -2.33
N LEU D 101 -7.11 18.17 -2.24
CA LEU D 101 -7.18 17.25 -3.36
C LEU D 101 -8.63 16.89 -3.72
N TYR D 102 -9.42 16.51 -2.71
CA TYR D 102 -10.82 16.16 -2.92
C TYR D 102 -11.55 17.31 -3.59
N HIS D 103 -11.25 18.53 -3.14
CA HIS D 103 -11.87 19.71 -3.71
C HIS D 103 -11.63 19.76 -5.21
N HIS D 104 -10.35 19.73 -5.59
CA HIS D 104 -9.98 19.78 -7.00
C HIS D 104 -10.60 18.65 -7.83
N TRP D 105 -10.45 17.41 -7.39
CA TRP D 105 -11.01 16.29 -8.12
C TRP D 105 -12.52 16.48 -8.26
N GLY D 106 -13.15 16.88 -7.17
CA GLY D 106 -14.59 17.11 -7.19
C GLY D 106 -14.97 18.21 -8.18
N SER D 107 -14.16 19.26 -8.25
CA SER D 107 -14.43 20.38 -9.15
C SER D 107 -14.45 19.94 -10.61
N VAL D 108 -13.48 19.13 -10.99
CA VAL D 108 -13.40 18.67 -12.36
C VAL D 108 -14.18 17.39 -12.65
N ASP D 109 -14.70 16.74 -11.61
CA ASP D 109 -15.43 15.49 -11.85
C ASP D 109 -16.68 15.36 -10.99
N SER D 110 -17.81 15.73 -11.56
CA SER D 110 -19.10 15.67 -10.88
C SER D 110 -19.33 14.31 -10.21
N HIS D 111 -18.92 13.24 -10.88
CA HIS D 111 -19.09 11.92 -10.31
C HIS D 111 -18.20 11.71 -9.10
N PHE D 112 -16.93 12.10 -9.21
CA PHE D 112 -16.04 11.94 -8.07
C PHE D 112 -16.64 12.66 -6.89
N GLN D 113 -17.18 13.85 -7.14
CA GLN D 113 -17.79 14.64 -6.06
C GLN D 113 -18.85 13.84 -5.30
N GLU D 114 -19.79 13.25 -6.03
CA GLU D 114 -20.86 12.45 -5.42
C GLU D 114 -20.29 11.35 -4.53
N VAL D 115 -19.53 10.43 -5.14
CA VAL D 115 -18.91 9.32 -4.41
C VAL D 115 -18.08 9.81 -3.21
N ALA D 116 -17.20 10.79 -3.46
CA ALA D 116 -16.33 11.34 -2.44
C ALA D 116 -17.02 11.73 -1.12
N GLN D 117 -18.15 12.41 -1.22
CA GLN D 117 -18.89 12.85 -0.05
C GLN D 117 -19.02 11.72 0.99
N LYS D 118 -19.28 10.51 0.52
CA LYS D 118 -19.45 9.35 1.40
C LYS D 118 -18.15 8.65 1.81
N PHE D 119 -17.05 8.92 1.11
CA PHE D 119 -15.80 8.23 1.44
C PHE D 119 -14.61 9.15 1.59
N GLN D 120 -14.62 9.92 2.68
CA GLN D 120 -13.56 10.86 2.95
C GLN D 120 -12.40 10.16 3.66
N GLY D 121 -11.25 10.81 3.64
CA GLY D 121 -10.09 10.26 4.31
C GLY D 121 -9.32 9.14 3.65
N VAL D 122 -9.57 8.88 2.35
CA VAL D 122 -8.82 7.84 1.65
C VAL D 122 -7.61 8.52 1.04
N ARG D 123 -6.44 8.15 1.52
CA ARG D 123 -5.19 8.73 1.06
C ARG D 123 -4.20 7.61 0.76
N LEU D 124 -3.03 7.96 0.23
CA LEU D 124 -2.01 6.96 -0.10
C LEU D 124 -0.93 6.85 0.94
N LEU D 125 -0.64 5.61 1.33
CA LEU D 125 0.42 5.34 2.30
C LEU D 125 1.77 5.46 1.55
N ARG D 126 2.81 5.96 2.21
CA ARG D 126 4.15 6.03 1.60
C ARG D 126 4.91 4.76 2.06
N GLN D 127 4.86 3.72 1.24
CA GLN D 127 5.47 2.43 1.55
C GLN D 127 6.93 2.21 1.18
N ASP D 128 7.55 1.24 1.85
CA ASP D 128 8.93 0.89 1.57
C ASP D 128 8.97 0.19 0.21
N PRO D 129 9.92 0.59 -0.64
CA PRO D 129 10.07 0.01 -1.99
C PRO D 129 10.03 -1.51 -2.05
N ILE D 130 10.84 -2.14 -1.21
CA ILE D 130 10.95 -3.59 -1.16
C ILE D 130 9.66 -4.31 -0.78
N GLU D 131 9.11 -3.94 0.38
CA GLU D 131 7.88 -4.57 0.84
C GLU D 131 6.80 -4.41 -0.22
N CYS D 132 6.76 -3.23 -0.83
CA CYS D 132 5.78 -2.93 -1.84
C CYS D 132 6.00 -3.75 -3.11
N LEU D 133 7.26 -3.87 -3.51
CA LEU D 133 7.58 -4.66 -4.70
C LEU D 133 7.12 -6.11 -4.55
N PHE D 134 7.57 -6.78 -3.50
CA PHE D 134 7.20 -8.16 -3.32
C PHE D 134 5.75 -8.41 -2.89
N SER D 135 5.18 -7.53 -2.08
CA SER D 135 3.79 -7.71 -1.69
C SER D 135 2.95 -7.71 -2.97
N PHE D 136 3.17 -6.73 -3.84
CA PHE D 136 2.38 -6.68 -5.06
C PHE D 136 2.76 -7.70 -6.11
N ILE D 137 3.98 -8.24 -6.02
CA ILE D 137 4.34 -9.30 -6.95
C ILE D 137 3.38 -10.43 -6.56
N CYS D 138 3.01 -10.46 -5.29
CA CYS D 138 2.08 -11.48 -4.79
C CYS D 138 0.62 -11.19 -5.16
N SER D 139 0.31 -9.96 -5.55
CA SER D 139 -1.07 -9.58 -5.85
C SER D 139 -1.67 -9.98 -7.20
N SER D 140 -0.83 -10.28 -8.18
CA SER D 140 -1.29 -10.63 -9.53
C SER D 140 -2.26 -11.82 -9.63
N ASN D 141 -3.39 -11.60 -10.31
CA ASN D 141 -4.38 -12.67 -10.51
C ASN D 141 -4.66 -13.34 -9.18
N ASN D 142 -5.05 -12.55 -8.19
CA ASN D 142 -5.29 -13.07 -6.85
C ASN D 142 -6.12 -12.09 -6.02
N ASN D 143 -6.81 -12.58 -4.99
CA ASN D 143 -7.64 -11.70 -4.15
C ASN D 143 -6.93 -11.18 -2.91
N ILE D 144 -7.42 -10.05 -2.40
CA ILE D 144 -6.84 -9.41 -1.22
C ILE D 144 -6.74 -10.28 0.03
N ALA D 145 -7.67 -11.21 0.19
CA ALA D 145 -7.64 -12.09 1.35
C ALA D 145 -6.44 -13.06 1.31
N ARG D 146 -6.25 -13.72 0.17
CA ARG D 146 -5.13 -14.64 0.03
C ARG D 146 -3.84 -13.83 0.11
N ILE D 147 -3.75 -12.80 -0.72
CA ILE D 147 -2.57 -11.96 -0.75
C ILE D 147 -2.11 -11.66 0.66
N THR D 148 -3.06 -11.29 1.52
CA THR D 148 -2.76 -10.95 2.90
C THR D 148 -2.09 -12.10 3.63
N GLY D 149 -2.63 -13.30 3.46
CA GLY D 149 -2.07 -14.47 4.11
C GLY D 149 -0.67 -14.80 3.60
N MET D 150 -0.52 -14.85 2.27
CA MET D 150 0.75 -15.13 1.63
C MET D 150 1.83 -14.20 2.21
N VAL D 151 1.61 -12.91 2.10
CA VAL D 151 2.57 -11.93 2.61
C VAL D 151 2.86 -12.18 4.09
N GLU D 152 1.86 -12.64 4.82
CA GLU D 152 2.06 -12.90 6.23
C GLU D 152 3.03 -14.06 6.41
N ARG D 153 2.72 -15.19 5.80
CA ARG D 153 3.57 -16.37 5.89
C ARG D 153 4.99 -16.07 5.40
N LEU D 154 5.08 -15.24 4.36
CA LEU D 154 6.36 -14.83 3.79
C LEU D 154 7.23 -14.06 4.79
N CYS D 155 6.61 -13.18 5.55
CA CYS D 155 7.36 -12.39 6.54
C CYS D 155 7.74 -13.22 7.77
N GLN D 156 6.89 -14.17 8.16
CA GLN D 156 7.22 -15.00 9.32
C GLN D 156 8.40 -15.90 8.99
N ALA D 157 8.38 -16.46 7.80
CA ALA D 157 9.46 -17.35 7.37
C ALA D 157 10.78 -16.66 7.02
N PHE D 158 10.73 -15.45 6.49
CA PHE D 158 11.99 -14.79 6.12
C PHE D 158 12.30 -13.44 6.71
N GLY D 159 11.37 -12.86 7.45
CA GLY D 159 11.61 -11.55 8.03
C GLY D 159 12.11 -11.61 9.46
N PRO D 160 12.80 -10.56 9.94
CA PRO D 160 13.32 -10.53 11.31
C PRO D 160 12.17 -10.55 12.31
N ARG D 161 12.36 -11.27 13.42
CA ARG D 161 11.37 -11.36 14.48
C ARG D 161 11.39 -10.05 15.27
N LEU D 162 10.23 -9.42 15.45
CA LEU D 162 10.21 -8.18 16.20
C LEU D 162 9.77 -8.40 17.65
N ILE D 163 8.48 -8.27 17.94
CA ILE D 163 8.00 -8.52 19.29
C ILE D 163 6.75 -9.35 19.20
N GLN D 164 6.31 -9.89 20.33
CA GLN D 164 5.12 -10.74 20.37
C GLN D 164 4.04 -10.07 21.22
N LEU D 165 2.82 -10.06 20.72
CA LEU D 165 1.69 -9.46 21.43
C LEU D 165 0.63 -10.55 21.41
N ASP D 166 0.13 -10.93 22.59
CA ASP D 166 -0.84 -12.02 22.67
C ASP D 166 -0.18 -13.21 21.96
N ASP D 167 -0.87 -13.85 21.02
CA ASP D 167 -0.31 -14.98 20.31
C ASP D 167 0.19 -14.58 18.92
N VAL D 168 0.38 -13.28 18.72
CA VAL D 168 0.85 -12.79 17.44
C VAL D 168 2.31 -12.34 17.55
N THR D 169 3.16 -12.94 16.72
CA THR D 169 4.58 -12.57 16.70
C THR D 169 4.74 -11.74 15.43
N TYR D 170 5.25 -10.52 15.56
CA TYR D 170 5.42 -9.69 14.39
C TYR D 170 6.79 -9.86 13.75
N HIS D 171 6.84 -9.70 12.45
CA HIS D 171 8.09 -9.81 11.71
C HIS D 171 8.31 -8.59 10.80
N GLY D 172 9.57 -8.22 10.59
CA GLY D 172 9.84 -7.12 9.70
C GLY D 172 9.79 -7.77 8.32
N PHE D 173 9.63 -6.97 7.27
CA PHE D 173 9.56 -7.52 5.92
C PHE D 173 10.93 -8.09 5.54
N PRO D 174 10.96 -9.23 4.84
CA PRO D 174 12.22 -9.86 4.44
C PRO D 174 13.17 -8.95 3.66
N SER D 175 14.48 -9.18 3.82
CA SER D 175 15.48 -8.39 3.10
C SER D 175 15.69 -8.98 1.70
N LEU D 176 16.41 -8.26 0.86
CA LEU D 176 16.70 -8.72 -0.49
C LEU D 176 17.53 -10.01 -0.42
N GLN D 177 18.57 -9.99 0.41
CA GLN D 177 19.44 -11.14 0.57
C GLN D 177 18.62 -12.34 0.97
N ALA D 178 17.77 -12.16 1.97
CA ALA D 178 16.94 -13.25 2.45
C ALA D 178 16.06 -13.83 1.36
N LEU D 179 15.33 -12.96 0.63
CA LEU D 179 14.47 -13.47 -0.43
C LEU D 179 15.27 -14.10 -1.57
N ALA D 180 16.50 -13.64 -1.76
CA ALA D 180 17.36 -14.17 -2.82
C ALA D 180 17.96 -15.54 -2.47
N GLY D 181 17.91 -15.88 -1.18
CA GLY D 181 18.48 -17.12 -0.69
C GLY D 181 18.23 -18.42 -1.42
N PRO D 182 19.03 -19.45 -1.10
CA PRO D 182 18.88 -20.77 -1.73
C PRO D 182 17.64 -21.51 -1.25
N GLU D 183 16.92 -22.09 -2.19
CA GLU D 183 15.69 -22.84 -1.90
C GLU D 183 14.51 -22.00 -1.41
N VAL D 184 14.60 -20.69 -1.58
CA VAL D 184 13.52 -19.81 -1.16
C VAL D 184 12.24 -20.14 -1.90
N GLU D 185 12.34 -20.27 -3.21
CA GLU D 185 11.16 -20.59 -4.01
C GLU D 185 10.46 -21.84 -3.51
N ALA D 186 11.21 -22.92 -3.34
CA ALA D 186 10.59 -24.16 -2.85
C ALA D 186 9.87 -23.91 -1.54
N HIS D 187 10.47 -23.12 -0.65
CA HIS D 187 9.86 -22.85 0.63
C HIS D 187 8.56 -22.05 0.46
N LEU D 188 8.60 -21.08 -0.46
CA LEU D 188 7.43 -20.26 -0.73
C LEU D 188 6.29 -21.10 -1.29
N ARG D 189 6.63 -22.06 -2.13
CA ARG D 189 5.63 -22.95 -2.73
C ARG D 189 4.87 -23.68 -1.62
N LYS D 190 5.60 -24.13 -0.61
CA LYS D 190 5.01 -24.82 0.53
C LYS D 190 4.16 -23.87 1.37
N LEU D 191 4.40 -22.58 1.24
CA LEU D 191 3.64 -21.60 1.99
C LEU D 191 2.46 -21.12 1.14
N GLY D 192 2.28 -21.77 0.00
CA GLY D 192 1.17 -21.44 -0.88
C GLY D 192 1.19 -20.20 -1.75
N LEU D 193 2.36 -19.74 -2.19
CA LEU D 193 2.41 -18.55 -3.04
C LEU D 193 2.17 -18.93 -4.49
N GLY D 194 2.07 -20.23 -4.75
CA GLY D 194 1.85 -20.70 -6.10
C GLY D 194 2.99 -20.31 -7.04
N TYR D 195 2.67 -20.17 -8.32
CA TYR D 195 3.67 -19.82 -9.32
C TYR D 195 4.36 -18.48 -9.01
N ARG D 196 3.81 -17.70 -8.10
CA ARG D 196 4.42 -16.41 -7.76
C ARG D 196 5.66 -16.62 -6.90
N ALA D 197 5.76 -17.82 -6.31
CA ALA D 197 6.91 -18.15 -5.48
C ALA D 197 8.18 -17.92 -6.30
N ARG D 198 8.16 -18.37 -7.56
CA ARG D 198 9.31 -18.20 -8.45
C ARG D 198 9.61 -16.74 -8.75
N TYR D 199 8.58 -15.91 -8.87
CA TYR D 199 8.78 -14.50 -9.17
C TYR D 199 9.54 -13.81 -8.05
N VAL D 200 9.17 -14.15 -6.82
CA VAL D 200 9.80 -13.54 -5.65
C VAL D 200 11.28 -13.84 -5.64
N SER D 201 11.61 -15.13 -5.74
CA SER D 201 13.00 -15.55 -5.74
C SER D 201 13.75 -14.90 -6.91
N ALA D 202 13.19 -15.05 -8.11
CA ALA D 202 13.79 -14.49 -9.32
C ALA D 202 14.00 -12.99 -9.25
N SER D 203 13.01 -12.24 -8.76
CA SER D 203 13.18 -10.79 -8.68
C SER D 203 14.19 -10.38 -7.62
N ALA D 204 14.27 -11.14 -6.55
CA ALA D 204 15.23 -10.81 -5.51
C ALA D 204 16.64 -10.94 -6.12
N ARG D 205 16.89 -12.06 -6.78
CA ARG D 205 18.20 -12.30 -7.41
C ARG D 205 18.49 -11.27 -8.51
N ALA D 206 17.50 -11.02 -9.36
CA ALA D 206 17.68 -10.05 -10.44
C ALA D 206 18.14 -8.69 -9.89
N ILE D 207 17.47 -8.22 -8.85
CA ILE D 207 17.83 -6.92 -8.24
C ILE D 207 19.24 -6.89 -7.66
N LEU D 208 19.57 -7.94 -6.92
CA LEU D 208 20.86 -8.04 -6.27
C LEU D 208 22.00 -8.41 -7.21
N GLU D 209 21.71 -9.26 -8.20
CA GLU D 209 22.75 -9.73 -9.11
C GLU D 209 22.78 -9.17 -10.53
N GLU D 210 21.81 -8.32 -10.89
CA GLU D 210 21.81 -7.76 -12.24
C GLU D 210 21.53 -6.28 -12.31
N GLN D 211 20.86 -5.73 -11.30
CA GLN D 211 20.50 -4.32 -11.33
C GLN D 211 21.30 -3.36 -10.46
N GLY D 212 22.12 -3.88 -9.56
CA GLY D 212 22.89 -2.99 -8.71
C GLY D 212 22.42 -2.97 -7.26
N GLY D 213 21.47 -3.83 -6.93
CA GLY D 213 20.99 -3.91 -5.56
C GLY D 213 19.95 -2.92 -5.10
N LEU D 214 19.82 -2.81 -3.78
CA LEU D 214 18.84 -1.93 -3.16
C LEU D 214 18.89 -0.54 -3.77
N ALA D 215 20.10 -0.01 -3.94
CA ALA D 215 20.30 1.31 -4.51
C ALA D 215 19.56 1.54 -5.83
N TRP D 216 19.48 0.51 -6.67
CA TRP D 216 18.78 0.63 -7.95
C TRP D 216 17.30 0.91 -7.77
N LEU D 217 16.70 0.29 -6.74
CA LEU D 217 15.29 0.48 -6.47
C LEU D 217 15.09 1.84 -5.80
N GLN D 218 15.83 2.08 -4.72
CA GLN D 218 15.76 3.32 -3.97
C GLN D 218 16.13 4.54 -4.81
N GLN D 219 16.68 4.31 -6.01
CA GLN D 219 17.07 5.41 -6.89
C GLN D 219 15.89 5.82 -7.78
N LEU D 220 14.92 4.93 -7.90
CA LEU D 220 13.74 5.21 -8.72
C LEU D 220 12.87 6.33 -8.16
N ARG D 221 13.08 6.67 -6.90
CA ARG D 221 12.32 7.75 -6.28
C ARG D 221 12.72 9.10 -6.86
N GLU D 222 13.95 9.20 -7.36
CA GLU D 222 14.44 10.44 -7.95
C GLU D 222 14.19 10.43 -9.45
N SER D 223 13.96 9.24 -10.00
CA SER D 223 13.71 9.07 -11.42
C SER D 223 12.32 9.58 -11.80
N SER D 224 11.92 9.37 -13.05
CA SER D 224 10.62 9.82 -13.52
C SER D 224 9.68 8.64 -13.61
N TYR D 225 8.39 8.93 -13.40
CA TYR D 225 7.38 7.90 -13.47
C TYR D 225 7.63 6.98 -14.65
N GLU D 226 7.83 7.59 -15.83
CA GLU D 226 8.08 6.82 -17.04
C GLU D 226 9.32 5.93 -16.91
N GLU D 227 10.42 6.52 -16.44
CA GLU D 227 11.65 5.76 -16.25
C GLU D 227 11.37 4.64 -15.25
N ALA D 228 11.02 5.06 -14.04
CA ALA D 228 10.72 4.14 -12.95
C ALA D 228 9.83 2.98 -13.36
N HIS D 229 8.74 3.28 -14.05
CA HIS D 229 7.81 2.24 -14.46
C HIS D 229 8.43 1.23 -15.43
N LYS D 230 9.26 1.73 -16.34
CA LYS D 230 9.92 0.87 -17.33
C LYS D 230 10.92 -0.06 -16.65
N ALA D 231 11.67 0.48 -15.69
CA ALA D 231 12.68 -0.29 -14.97
C ALA D 231 12.01 -1.45 -14.23
N LEU D 232 11.02 -1.13 -13.39
CA LEU D 232 10.31 -2.15 -12.63
C LEU D 232 9.84 -3.31 -13.50
N CYS D 233 9.33 -3.00 -14.68
CA CYS D 233 8.80 -4.03 -15.57
C CYS D 233 9.80 -5.12 -15.98
N ILE D 234 11.09 -4.85 -15.80
CA ILE D 234 12.15 -5.82 -16.12
C ILE D 234 12.02 -7.03 -15.20
N LEU D 235 11.80 -6.75 -13.92
CA LEU D 235 11.68 -7.79 -12.89
C LEU D 235 10.58 -8.81 -13.15
N PRO D 236 10.88 -10.10 -12.93
CA PRO D 236 9.93 -11.21 -13.12
C PRO D 236 8.66 -11.11 -12.26
N GLY D 237 7.51 -11.22 -12.90
CA GLY D 237 6.25 -11.14 -12.17
C GLY D 237 5.75 -9.72 -12.04
N VAL D 238 6.51 -8.76 -12.55
CA VAL D 238 6.12 -7.36 -12.46
C VAL D 238 5.72 -6.80 -13.83
N GLY D 239 4.42 -6.60 -14.02
CA GLY D 239 3.93 -6.05 -15.27
C GLY D 239 3.48 -4.61 -15.06
N THR D 240 2.68 -4.09 -16.00
CA THR D 240 2.21 -2.70 -15.92
C THR D 240 1.44 -2.41 -14.64
N LYS D 241 0.50 -3.30 -14.33
CA LYS D 241 -0.32 -3.14 -13.13
C LYS D 241 0.52 -3.15 -11.84
N VAL D 242 1.32 -4.19 -11.65
CA VAL D 242 2.17 -4.28 -10.47
C VAL D 242 3.12 -3.09 -10.42
N ALA D 243 3.73 -2.78 -11.56
CA ALA D 243 4.66 -1.66 -11.65
C ALA D 243 4.01 -0.35 -11.23
N ASP D 244 2.77 -0.13 -11.66
CA ASP D 244 2.04 1.09 -11.32
C ASP D 244 1.79 1.20 -9.82
N CYS D 245 1.36 0.10 -9.21
CA CYS D 245 1.11 0.09 -7.76
C CYS D 245 2.38 0.53 -7.04
N ILE D 246 3.50 -0.07 -7.41
CA ILE D 246 4.78 0.28 -6.79
C ILE D 246 5.11 1.75 -7.05
N CYS D 247 4.89 2.20 -8.27
CA CYS D 247 5.16 3.59 -8.60
C CYS D 247 4.34 4.52 -7.75
N LEU D 248 3.05 4.21 -7.66
CA LEU D 248 2.10 5.02 -6.90
C LEU D 248 2.27 4.98 -5.39
N MET D 249 2.51 3.78 -4.85
CA MET D 249 2.59 3.59 -3.40
C MET D 249 3.96 3.60 -2.72
N ALA D 250 5.04 3.48 -3.47
CA ALA D 250 6.38 3.49 -2.87
C ALA D 250 7.42 4.40 -3.55
N LEU D 251 7.23 4.72 -4.83
CA LEU D 251 8.19 5.55 -5.54
C LEU D 251 7.78 7.02 -5.75
N ASP D 252 6.86 7.50 -4.93
CA ASP D 252 6.37 8.88 -4.98
C ASP D 252 5.88 9.36 -6.34
N LYS D 253 5.23 8.49 -7.11
CA LYS D 253 4.68 8.88 -8.41
C LYS D 253 3.16 8.91 -8.23
N PRO D 254 2.64 10.02 -7.68
CA PRO D 254 1.20 10.18 -7.46
C PRO D 254 0.28 10.23 -8.67
N GLN D 255 0.85 10.28 -9.88
CA GLN D 255 0.04 10.31 -11.09
C GLN D 255 -0.16 8.90 -11.63
N ALA D 256 0.58 7.94 -11.09
CA ALA D 256 0.47 6.56 -11.53
C ALA D 256 -0.92 6.03 -11.21
N VAL D 257 -1.55 5.34 -12.16
CA VAL D 257 -2.89 4.79 -11.98
C VAL D 257 -2.93 3.32 -12.35
N PRO D 258 -3.03 2.43 -11.36
CA PRO D 258 -3.08 0.99 -11.65
C PRO D 258 -4.38 0.56 -12.30
N VAL D 259 -4.29 -0.05 -13.48
CA VAL D 259 -5.49 -0.48 -14.17
C VAL D 259 -5.70 -1.98 -14.16
N GLU D 260 -6.80 -2.39 -13.55
CA GLU D 260 -7.18 -3.79 -13.45
C GLU D 260 -8.71 -3.87 -13.49
N VAL D 261 -9.27 -5.03 -13.16
CA VAL D 261 -10.70 -5.22 -13.21
C VAL D 261 -11.57 -4.15 -12.56
N HIS D 262 -11.16 -3.68 -11.37
CA HIS D 262 -11.97 -2.67 -10.69
C HIS D 262 -12.12 -1.36 -11.47
N MET D 263 -11.00 -0.76 -11.84
CA MET D 263 -11.05 0.49 -12.56
C MET D 263 -11.76 0.35 -13.91
N TRP D 264 -11.70 -0.84 -14.52
CA TRP D 264 -12.38 -1.01 -15.81
C TRP D 264 -13.88 -0.91 -15.63
N HIS D 265 -14.39 -1.58 -14.59
CA HIS D 265 -15.81 -1.57 -14.31
C HIS D 265 -16.23 -0.14 -14.02
N ILE D 266 -15.45 0.54 -13.18
CA ILE D 266 -15.75 1.93 -12.83
C ILE D 266 -15.78 2.81 -14.08
N ALA D 267 -14.73 2.71 -14.89
CA ALA D 267 -14.68 3.49 -16.12
C ALA D 267 -15.92 3.27 -17.00
N GLN D 268 -16.34 2.02 -17.15
CA GLN D 268 -17.50 1.72 -17.99
C GLN D 268 -18.85 2.08 -17.38
N ARG D 269 -19.02 1.76 -16.11
CA ARG D 269 -20.27 2.03 -15.42
C ARG D 269 -20.46 3.49 -15.04
N ASP D 270 -19.43 4.13 -14.51
CA ASP D 270 -19.57 5.51 -14.07
C ASP D 270 -19.14 6.62 -15.02
N TYR D 271 -18.45 6.28 -16.11
CA TYR D 271 -18.04 7.31 -17.05
C TYR D 271 -18.40 6.91 -18.48
N SER D 272 -18.97 5.73 -18.64
CA SER D 272 -19.34 5.23 -19.98
C SER D 272 -18.12 5.28 -20.88
N TRP D 273 -16.95 5.01 -20.30
CA TRP D 273 -15.71 5.03 -21.05
C TRP D 273 -15.56 3.86 -22.02
N HIS D 274 -14.91 4.12 -23.14
CA HIS D 274 -14.64 3.10 -24.16
C HIS D 274 -13.26 3.43 -24.69
N PRO D 275 -12.54 2.43 -25.19
CA PRO D 275 -11.20 2.68 -25.73
C PRO D 275 -11.43 3.30 -27.11
N THR D 276 -10.62 4.29 -27.48
CA THR D 276 -10.78 4.91 -28.80
C THR D 276 -9.59 4.61 -29.71
N THR D 277 -8.38 4.94 -29.27
CA THR D 277 -7.21 4.68 -30.11
C THR D 277 -6.80 3.22 -30.10
N SER D 278 -6.84 2.57 -28.94
CA SER D 278 -6.46 1.16 -28.85
C SER D 278 -7.20 0.36 -29.93
N GLN D 279 -6.69 -0.84 -30.18
CA GLN D 279 -7.24 -1.74 -31.18
C GLN D 279 -8.40 -2.57 -30.64
N ALA D 280 -8.24 -3.05 -29.41
CA ALA D 280 -9.23 -3.89 -28.75
C ALA D 280 -10.37 -3.10 -28.12
N LYS D 281 -11.45 -3.80 -27.81
CA LYS D 281 -12.62 -3.20 -27.19
C LYS D 281 -12.64 -3.50 -25.69
N GLY D 282 -11.97 -4.59 -25.30
CA GLY D 282 -11.92 -4.97 -23.89
C GLY D 282 -10.54 -4.79 -23.27
N PRO D 283 -10.32 -5.34 -22.06
CA PRO D 283 -9.03 -5.21 -21.38
C PRO D 283 -7.88 -5.82 -22.20
N SER D 284 -6.79 -5.07 -22.33
CA SER D 284 -5.62 -5.51 -23.09
C SER D 284 -4.50 -4.53 -22.83
N PRO D 285 -3.25 -4.95 -23.06
CA PRO D 285 -2.17 -4.01 -22.81
C PRO D 285 -2.39 -2.60 -23.39
N GLN D 286 -2.85 -2.51 -24.63
CA GLN D 286 -3.08 -1.17 -25.22
C GLN D 286 -4.22 -0.41 -24.53
N THR D 287 -5.36 -1.08 -24.31
CA THR D 287 -6.50 -0.43 -23.68
C THR D 287 -6.28 -0.02 -22.24
N ASN D 288 -5.62 -0.88 -21.46
CA ASN D 288 -5.35 -0.55 -20.06
C ASN D 288 -4.51 0.71 -19.98
N LYS D 289 -3.54 0.82 -20.88
CA LYS D 289 -2.67 1.98 -20.91
C LYS D 289 -3.47 3.24 -21.23
N GLU D 290 -4.43 3.08 -22.13
CA GLU D 290 -5.29 4.17 -22.56
C GLU D 290 -6.19 4.59 -21.40
N LEU D 291 -6.78 3.60 -20.74
CA LEU D 291 -7.64 3.90 -19.59
C LEU D 291 -6.80 4.71 -18.58
N GLY D 292 -5.57 4.26 -18.36
CA GLY D 292 -4.70 4.94 -17.42
C GLY D 292 -4.48 6.39 -17.80
N ASN D 293 -4.36 6.64 -19.10
CA ASN D 293 -4.16 8.00 -19.60
C ASN D 293 -5.42 8.83 -19.39
N PHE D 294 -6.56 8.22 -19.66
CA PHE D 294 -7.86 8.87 -19.50
C PHE D 294 -7.98 9.42 -18.08
N PHE D 295 -7.68 8.58 -17.10
CA PHE D 295 -7.78 8.99 -15.72
C PHE D 295 -6.83 10.09 -15.34
N ARG D 296 -5.65 10.10 -15.94
CA ARG D 296 -4.68 11.14 -15.63
C ARG D 296 -5.18 12.49 -16.17
N SER D 297 -5.67 12.50 -17.41
CA SER D 297 -6.16 13.75 -17.96
C SER D 297 -7.39 14.23 -17.21
N LEU D 298 -8.16 13.31 -16.67
CA LEU D 298 -9.36 13.67 -15.92
C LEU D 298 -9.06 14.25 -14.53
N TRP D 299 -8.18 13.58 -13.78
CA TRP D 299 -7.87 14.01 -12.42
C TRP D 299 -6.59 14.81 -12.20
N GLY D 300 -5.66 14.74 -13.15
CA GLY D 300 -4.43 15.51 -12.98
C GLY D 300 -3.23 14.76 -12.42
N PRO D 301 -2.24 15.50 -11.89
CA PRO D 301 -1.00 14.97 -11.31
C PRO D 301 -1.18 13.95 -10.18
N TYR D 302 -2.28 14.04 -9.44
CA TYR D 302 -2.53 13.09 -8.34
C TYR D 302 -3.62 12.11 -8.66
N ALA D 303 -3.74 11.75 -9.95
CA ALA D 303 -4.76 10.81 -10.39
C ALA D 303 -4.73 9.53 -9.56
N GLY D 304 -3.54 8.99 -9.33
CA GLY D 304 -3.41 7.77 -8.55
C GLY D 304 -4.13 7.85 -7.22
N TRP D 305 -3.97 8.98 -6.53
CA TRP D 305 -4.63 9.17 -5.25
C TRP D 305 -6.14 9.16 -5.44
N ALA D 306 -6.63 9.84 -6.48
CA ALA D 306 -8.05 9.90 -6.76
C ALA D 306 -8.55 8.49 -7.00
N GLN D 307 -7.81 7.75 -7.84
CA GLN D 307 -8.12 6.37 -8.17
C GLN D 307 -8.35 5.59 -6.88
N ALA D 308 -7.50 5.83 -5.90
CA ALA D 308 -7.61 5.11 -4.65
C ALA D 308 -8.98 5.36 -4.01
N VAL D 309 -9.45 6.61 -4.08
CA VAL D 309 -10.74 6.94 -3.48
C VAL D 309 -11.86 6.12 -4.08
N LEU D 310 -11.99 6.13 -5.40
CA LEU D 310 -13.04 5.35 -6.03
C LEU D 310 -12.78 3.85 -5.86
N PHE D 311 -11.53 3.43 -6.02
CA PHE D 311 -11.18 2.01 -5.86
C PHE D 311 -11.58 1.53 -4.47
N SER D 312 -11.20 2.29 -3.46
CA SER D 312 -11.52 1.95 -2.07
C SER D 312 -13.02 1.95 -1.80
N ALA D 313 -13.72 2.93 -2.36
CA ALA D 313 -15.16 3.02 -2.16
C ALA D 313 -15.90 1.96 -2.97
N ASP D 314 -15.18 1.28 -3.87
CA ASP D 314 -15.80 0.22 -4.67
C ASP D 314 -15.74 -1.08 -3.87
N LEU D 315 -14.58 -1.37 -3.28
CA LEU D 315 -14.42 -2.58 -2.48
C LEU D 315 -15.46 -2.57 -1.37
N ARG D 316 -15.66 -1.39 -0.78
CA ARG D 316 -16.61 -1.18 0.30
C ARG D 316 -18.06 -1.14 -0.21
N GLN D 317 -18.35 -1.91 -1.25
CA GLN D 317 -19.70 -1.95 -1.83
C GLN D 317 -19.82 -3.08 -2.84
CA CA E . -9.21 -12.11 -14.17
#